data_6FGY
#
_entry.id   6FGY
#
_cell.length_a   48.056
_cell.length_b   76.738
_cell.length_c   104.214
_cell.angle_alpha   90.000
_cell.angle_beta   90.000
_cell.angle_gamma   90.000
#
_symmetry.space_group_name_H-M   'P 21 21 21'
#
loop_
_entity.id
_entity.type
_entity.pdbx_description
1 polymer 'Beta-secretase 1'
2 non-polymer ~{N}-[3-[(3~{R})-5-azanyl-3-methyl-2,6-dihydro-1,4-oxazin-3-yl]phenyl]-5-bromanyl-pyridine-2-carboxamide
3 water water
#
_entity_poly.entity_id   1
_entity_poly.type   'polypeptide(L)'
_entity_poly.pdbx_seq_one_letter_code
;GPFVEMVDNLRGKSGQGYYVEMTVGSPPQTLNILVDTGSSNFAVGAAPHPFLHRYYQRQLSSTYRDLRKGVYVPYTQGKW
EGELGTDLVSIPHGPNVTVRANIAAITESDKFFINGSNWEGILGLAYAEIARPDDSLEPFFDSLVKQTHVPNLFSLQLCG
AGFPLNQSEVLASVGGSMIIGGIDHSLYTGSLWYTPIRREWYYEVIIVRVEINGQDLKMDCKEYNYDKSIVDSGTTNLRL
PKKVFEAAVKSIKAASSTEKFPDGFWLGEQLVCWQAGTTPWNIFPVISLYLMGEVTNQSFRITILPQQYLRPVEDVATSQ
DDCYKFAISQSSTGTVMGAVIMEGFYVVFDRARKRIGFAVSACHVHDEFRTAAVEGPFVTLDMEDCGYNIPQTDES
;
_entity_poly.pdbx_strand_id   A
#
loop_
_chem_comp.id
_chem_comp.type
_chem_comp.name
_chem_comp.formula
D9W non-polymer ~{N}-[3-[(3~{R})-5-azanyl-3-methyl-2,6-dihydro-1,4-oxazin-3-yl]phenyl]-5-bromanyl-pyridine-2-carboxamide 'C17 H17 Br N4 O2'
#
# COMPACT_ATOMS: atom_id res chain seq x y z
N PHE A 3 -0.72 -18.12 13.14
CA PHE A 3 -1.09 -17.04 12.17
C PHE A 3 -2.58 -17.10 11.84
N VAL A 4 -3.17 -18.28 12.00
CA VAL A 4 -4.56 -18.49 11.63
C VAL A 4 -5.49 -17.49 12.32
N GLU A 5 -5.13 -17.08 13.53
CA GLU A 5 -5.93 -16.13 14.29
C GLU A 5 -5.81 -14.74 13.70
N MET A 6 -4.80 -14.54 12.88
CA MET A 6 -4.58 -13.24 12.25
C MET A 6 -5.22 -13.16 10.87
N VAL A 7 -5.63 -14.31 10.35
CA VAL A 7 -6.31 -14.35 9.05
C VAL A 7 -7.62 -13.56 9.10
N ASP A 8 -7.84 -12.73 8.08
CA ASP A 8 -9.06 -11.93 7.98
C ASP A 8 -9.14 -10.81 9.02
N ASN A 9 -8.00 -10.32 9.47
CA ASN A 9 -8.01 -9.28 10.50
C ASN A 9 -8.00 -7.88 9.91
N LEU A 10 -8.05 -7.78 8.59
CA LEU A 10 -8.20 -6.48 7.92
C LEU A 10 -9.59 -6.27 7.36
N ARG A 11 -10.09 -5.04 7.49
CA ARG A 11 -11.36 -4.64 6.92
C ARG A 11 -11.21 -3.28 6.24
N GLY A 12 -12.24 -2.90 5.48
CA GLY A 12 -12.25 -1.57 4.89
C GLY A 12 -13.40 -1.39 3.94
N LYS A 13 -13.51 -0.19 3.39
CA LYS A 13 -14.40 0.05 2.27
C LYS A 13 -13.55 0.35 1.05
N SER A 14 -14.00 -0.11 -0.11
CA SER A 14 -13.22 0.04 -1.34
C SER A 14 -12.77 1.49 -1.52
N GLY A 15 -11.47 1.66 -1.76
CA GLY A 15 -10.94 2.99 -2.03
C GLY A 15 -10.78 3.85 -0.81
N GLN A 16 -11.07 3.29 0.37
CA GLN A 16 -11.01 4.07 1.60
C GLN A 16 -9.91 3.64 2.58
N GLY A 17 -9.34 2.46 2.34
CA GLY A 17 -8.18 2.04 3.12
C GLY A 17 -8.42 0.79 3.94
N TYR A 18 -7.42 -0.07 4.01
CA TYR A 18 -7.50 -1.27 4.84
C TYR A 18 -7.04 -0.97 6.26
N TYR A 19 -7.86 -1.37 7.23
CA TYR A 19 -7.52 -1.12 8.63
C TYR A 19 -7.57 -2.36 9.49
N VAL A 20 -6.82 -2.32 10.59
CA VAL A 20 -6.76 -3.40 11.56
C VAL A 20 -7.19 -2.85 12.92
N GLU A 21 -7.82 -3.68 13.74
CA GLU A 21 -8.25 -3.23 15.06
C GLU A 21 -7.03 -3.20 15.98
N MET A 22 -6.89 -2.12 16.75
CA MET A 22 -5.83 -2.03 17.75
C MET A 22 -6.42 -1.49 19.03
N THR A 23 -5.68 -1.63 20.14
CA THR A 23 -6.04 -0.94 21.37
C THR A 23 -4.90 -0.05 21.82
N VAL A 24 -5.25 1.09 22.40
CA VAL A 24 -4.26 1.99 22.99
C VAL A 24 -4.68 2.32 24.42
N GLY A 25 -3.70 2.40 25.31
CA GLY A 25 -3.95 2.88 26.66
C GLY A 25 -4.32 1.80 27.67
N SER A 26 -4.42 2.20 28.92
CA SER A 26 -4.88 1.32 29.99
C SER A 26 -5.90 2.07 30.85
N PRO A 27 -7.14 1.56 30.92
CA PRO A 27 -7.61 0.36 30.23
C PRO A 27 -7.65 0.54 28.71
N PRO A 28 -7.68 -0.56 27.96
CA PRO A 28 -7.58 -0.51 26.50
C PRO A 28 -8.72 0.24 25.82
N GLN A 29 -8.37 1.12 24.89
CA GLN A 29 -9.36 1.81 24.06
C GLN A 29 -9.23 1.26 22.63
N THR A 30 -10.33 0.76 22.09
CA THR A 30 -10.31 0.16 20.76
C THR A 30 -10.43 1.22 19.65
N LEU A 31 -9.56 1.10 18.65
CA LEU A 31 -9.62 1.96 17.47
C LEU A 31 -9.34 1.13 16.23
N ASN A 32 -9.88 1.55 15.09
CA ASN A 32 -9.51 0.98 13.80
C ASN A 32 -8.40 1.80 13.16
N ILE A 33 -7.35 1.13 12.68
CA ILE A 33 -6.15 1.84 12.29
C ILE A 33 -5.72 1.44 10.86
N LEU A 34 -5.56 2.44 9.99
CA LEU A 34 -5.12 2.24 8.62
C LEU A 34 -3.73 1.59 8.57
N VAL A 35 -3.60 0.50 7.82
CA VAL A 35 -2.32 -0.16 7.63
C VAL A 35 -1.55 0.51 6.48
N ASP A 36 -0.43 1.16 6.80
CA ASP A 36 0.24 2.05 5.85
C ASP A 36 1.74 1.76 5.74
N THR A 37 2.14 1.03 4.70
CA THR A 37 3.56 0.74 4.53
C THR A 37 4.34 1.90 3.91
N GLY A 38 3.66 3.01 3.66
CA GLY A 38 4.32 4.18 3.07
C GLY A 38 4.59 5.33 4.02
N SER A 39 4.46 5.08 5.32
CA SER A 39 4.82 6.07 6.33
C SER A 39 5.27 5.35 7.58
N SER A 40 5.75 6.09 8.58
CA SER A 40 6.39 5.46 9.73
C SER A 40 5.95 5.98 11.09
N ASN A 41 4.89 6.79 11.13
CA ASN A 41 4.31 7.21 12.40
C ASN A 41 3.05 6.43 12.76
N PHE A 42 2.92 6.09 14.04
CA PHE A 42 1.64 5.65 14.59
C PHE A 42 0.95 6.91 15.09
N ALA A 43 -0.11 7.30 14.40
CA ALA A 43 -0.79 8.57 14.68
C ALA A 43 -2.29 8.33 14.74
N VAL A 44 -2.91 8.77 15.83
CA VAL A 44 -4.32 8.50 16.04
C VAL A 44 -5.08 9.77 16.39
N GLY A 45 -6.31 9.86 15.89
CA GLY A 45 -7.18 10.95 16.31
C GLY A 45 -7.30 10.98 17.81
N ALA A 46 -7.14 12.15 18.41
CA ALA A 46 -7.12 12.26 19.86
C ALA A 46 -7.99 13.41 20.34
N ALA A 47 -8.90 13.83 19.47
CA ALA A 47 -9.87 14.87 19.78
C ALA A 47 -11.04 14.73 18.82
N PRO A 48 -12.23 15.23 19.21
CA PRO A 48 -13.42 15.07 18.39
C PRO A 48 -13.26 15.59 16.98
N HIS A 49 -13.90 14.93 16.03
CA HIS A 49 -13.89 15.35 14.63
C HIS A 49 -15.14 14.79 13.95
N PRO A 50 -15.75 15.57 13.05
CA PRO A 50 -17.01 15.16 12.43
C PRO A 50 -16.95 13.78 11.77
N PHE A 51 -15.78 13.41 11.27
CA PHE A 51 -15.62 12.13 10.58
C PHE A 51 -15.16 11.01 11.50
N LEU A 52 -14.96 11.32 12.78
CA LEU A 52 -14.53 10.30 13.75
C LEU A 52 -15.68 9.88 14.65
N HIS A 53 -15.89 8.56 14.76
CA HIS A 53 -16.90 8.02 15.64
C HIS A 53 -16.35 7.80 17.05
N ARG A 54 -15.02 7.75 17.15
CA ARG A 54 -14.36 7.62 18.43
C ARG A 54 -12.93 8.13 18.31
N TYR A 55 -12.29 8.38 19.45
CA TYR A 55 -10.92 8.87 19.43
C TYR A 55 -10.18 8.51 20.71
N TYR A 56 -8.85 8.65 20.66
CA TYR A 56 -7.97 8.30 21.77
C TYR A 56 -8.10 9.34 22.87
N GLN A 57 -8.56 8.90 24.05
CA GLN A 57 -8.76 9.80 25.17
C GLN A 57 -7.67 9.56 26.21
N ARG A 58 -6.63 10.39 26.15
CA ARG A 58 -5.42 10.15 26.92
C ARG A 58 -5.65 10.31 28.42
N GLN A 59 -6.59 11.17 28.78
CA GLN A 59 -6.83 11.46 30.19
C GLN A 59 -7.37 10.22 30.89
N LEU A 60 -7.84 9.25 30.11
CA LEU A 60 -8.38 8.01 30.66
C LEU A 60 -7.35 6.90 30.74
N SER A 61 -6.15 7.14 30.22
CA SER A 61 -5.09 6.14 30.26
C SER A 61 -4.01 6.47 31.28
N SER A 62 -3.88 5.63 32.30
CA SER A 62 -2.89 5.84 33.36
C SER A 62 -1.48 5.59 32.87
N THR A 63 -1.36 4.83 31.78
CA THR A 63 -0.06 4.44 31.26
C THR A 63 0.47 5.41 30.21
N TYR A 64 -0.33 6.39 29.84
CA TYR A 64 0.14 7.42 28.91
C TYR A 64 1.30 8.18 29.53
N ARG A 65 2.36 8.37 28.75
CA ARG A 65 3.45 9.26 29.15
C ARG A 65 3.65 10.35 28.10
N ASP A 66 3.60 11.60 28.54
CA ASP A 66 3.77 12.74 27.65
C ASP A 66 5.24 12.94 27.33
N LEU A 67 5.58 13.08 26.05
CA LEU A 67 6.96 13.32 25.66
C LEU A 67 7.25 14.80 25.49
N ARG A 68 6.23 15.62 25.76
CA ARG A 68 6.37 17.07 25.72
C ARG A 68 7.04 17.56 24.45
N LYS A 69 6.48 17.14 23.32
CA LYS A 69 7.01 17.48 22.01
C LYS A 69 5.86 17.46 21.00
N GLY A 70 5.73 18.54 20.24
CA GLY A 70 4.69 18.59 19.22
C GLY A 70 5.19 18.01 17.92
N VAL A 71 4.27 17.70 17.02
CA VAL A 71 4.62 17.19 15.71
C VAL A 71 3.67 17.74 14.66
N TYR A 72 4.22 18.21 13.56
CA TYR A 72 3.43 18.75 12.46
C TYR A 72 3.74 17.99 11.18
N VAL A 73 2.71 17.43 10.56
CA VAL A 73 2.89 16.59 9.38
C VAL A 73 2.00 17.01 8.23
N PRO A 74 2.53 17.82 7.30
CA PRO A 74 1.86 18.18 6.05
C PRO A 74 2.04 17.09 4.98
N TYR A 75 0.97 16.79 4.26
CA TYR A 75 1.04 15.92 3.09
C TYR A 75 0.70 16.76 1.87
N THR A 76 0.90 16.19 0.68
CA THR A 76 0.52 16.87 -0.55
C THR A 76 -0.94 17.28 -0.45
N GLN A 77 -1.78 16.36 0.01
CA GLN A 77 -3.18 16.65 0.29
C GLN A 77 -3.45 16.40 1.76
N GLY A 78 -3.74 17.47 2.50
CA GLY A 78 -4.08 17.31 3.89
C GLY A 78 -2.89 17.41 4.84
N LYS A 79 -3.19 17.54 6.12
CA LYS A 79 -2.17 17.74 7.15
C LYS A 79 -2.78 17.43 8.51
N TRP A 80 -1.93 17.09 9.47
CA TRP A 80 -2.38 17.01 10.86
C TRP A 80 -1.32 17.51 11.82
N GLU A 81 -1.75 17.88 13.02
CA GLU A 81 -0.87 18.41 14.04
C GLU A 81 -1.21 17.71 15.35
N GLY A 82 -0.21 17.48 16.19
CA GLY A 82 -0.46 16.74 17.41
C GLY A 82 0.66 16.77 18.42
N GLU A 83 0.54 15.88 19.39
CA GLU A 83 1.46 15.83 20.53
C GLU A 83 1.99 14.41 20.66
N LEU A 84 3.28 14.28 20.94
CA LEU A 84 3.89 12.96 21.07
C LEU A 84 3.83 12.43 22.50
N GLY A 85 3.65 11.13 22.61
CA GLY A 85 3.73 10.48 23.90
C GLY A 85 3.93 9.00 23.68
N THR A 86 3.95 8.21 24.75
CA THR A 86 3.99 6.76 24.60
C THR A 86 2.88 6.14 25.43
N ASP A 87 2.45 4.95 25.05
CA ASP A 87 1.43 4.24 25.78
C ASP A 87 1.44 2.77 25.38
N LEU A 88 0.64 1.96 26.08
CA LEU A 88 0.57 0.54 25.78
C LEU A 88 -0.35 0.29 24.59
N VAL A 89 0.12 -0.52 23.65
CA VAL A 89 -0.61 -0.79 22.43
C VAL A 89 -0.72 -2.29 22.20
N SER A 90 -1.86 -2.73 21.70
CA SER A 90 -2.05 -4.12 21.37
C SER A 90 -2.82 -4.30 20.07
N ILE A 91 -2.66 -5.46 19.44
CA ILE A 91 -3.43 -5.81 18.26
C ILE A 91 -4.23 -7.06 18.59
N PRO A 92 -5.53 -6.91 18.88
CA PRO A 92 -6.37 -8.02 19.35
C PRO A 92 -6.34 -9.25 18.44
N HIS A 93 -6.35 -9.03 17.14
CA HIS A 93 -6.28 -10.12 16.18
C HIS A 93 -4.91 -10.16 15.53
N GLY A 94 -3.90 -9.78 16.31
CA GLY A 94 -2.52 -9.92 15.86
C GLY A 94 -1.78 -10.85 16.79
N PRO A 95 -0.46 -10.65 16.96
CA PRO A 95 0.30 -11.43 17.94
C PRO A 95 -0.19 -11.19 19.37
N ASN A 96 0.03 -12.17 20.23
CA ASN A 96 -0.55 -12.13 21.58
C ASN A 96 0.38 -11.42 22.56
N VAL A 97 0.63 -10.14 22.32
CA VAL A 97 1.52 -9.36 23.19
C VAL A 97 1.03 -7.92 23.31
N THR A 98 1.53 -7.23 24.33
CA THR A 98 1.31 -5.81 24.49
C THR A 98 2.65 -5.09 24.58
N VAL A 99 2.79 -4.01 23.84
CA VAL A 99 4.05 -3.27 23.86
C VAL A 99 3.79 -1.81 24.17
N ARG A 100 4.83 -1.14 24.66
CA ARG A 100 4.78 0.31 24.80
C ARG A 100 5.35 0.92 23.53
N ALA A 101 4.62 1.85 22.94
CA ALA A 101 5.03 2.43 21.66
C ALA A 101 4.77 3.92 21.61
N ASN A 102 5.49 4.60 20.74
CA ASN A 102 5.26 6.00 20.45
C ASN A 102 3.88 6.17 19.82
N ILE A 103 3.20 7.25 20.21
CA ILE A 103 1.91 7.58 19.62
C ILE A 103 1.84 9.09 19.40
N ALA A 104 1.47 9.48 18.19
CA ALA A 104 1.19 10.88 17.91
C ALA A 104 -0.29 11.10 18.09
N ALA A 105 -0.64 11.92 19.07
CA ALA A 105 -2.04 12.22 19.34
C ALA A 105 -2.45 13.39 18.47
N ILE A 106 -3.31 13.12 17.50
CA ILE A 106 -3.71 14.14 16.53
C ILE A 106 -4.78 15.03 17.15
N THR A 107 -4.46 16.32 17.29
CA THR A 107 -5.38 17.25 17.93
C THR A 107 -6.03 18.20 16.94
N GLU A 108 -5.41 18.35 15.77
CA GLU A 108 -5.95 19.15 14.68
C GLU A 108 -5.58 18.55 13.33
N SER A 109 -6.47 18.67 12.36
CA SER A 109 -6.23 18.05 11.06
C SER A 109 -7.03 18.74 9.94
N ASP A 110 -6.54 18.60 8.72
CA ASP A 110 -7.22 19.11 7.55
C ASP A 110 -7.14 18.11 6.40
N LYS A 111 -8.29 17.66 5.92
CA LYS A 111 -8.34 16.74 4.79
C LYS A 111 -7.53 15.47 5.04
N PHE A 112 -7.47 15.05 6.30
CA PHE A 112 -6.74 13.84 6.66
C PHE A 112 -7.69 12.68 6.89
N PHE A 113 -8.65 12.87 7.79
CA PHE A 113 -9.66 11.84 8.06
C PHE A 113 -10.68 11.81 6.93
N ILE A 114 -11.20 10.62 6.65
CA ILE A 114 -12.13 10.43 5.53
C ILE A 114 -13.50 10.01 6.02
N ASN A 115 -14.53 10.71 5.58
CA ASN A 115 -15.88 10.44 6.02
C ASN A 115 -16.30 9.02 5.63
N GLY A 116 -16.64 8.21 6.61
CA GLY A 116 -17.18 6.89 6.33
C GLY A 116 -16.13 5.80 6.14
N SER A 117 -14.87 6.13 6.39
CA SER A 117 -13.77 5.19 6.16
C SER A 117 -13.68 4.16 7.29
N ASN A 118 -14.18 4.54 8.46
CA ASN A 118 -14.21 3.68 9.63
C ASN A 118 -12.83 3.43 10.26
N TRP A 119 -11.83 4.22 9.89
CA TRP A 119 -10.61 4.21 10.68
C TRP A 119 -10.31 5.56 11.32
N GLU A 120 -9.57 5.49 12.44
CA GLU A 120 -9.39 6.64 13.32
C GLU A 120 -7.93 7.01 13.51
N GLY A 121 -7.05 6.32 12.79
CA GLY A 121 -5.62 6.59 12.91
C GLY A 121 -4.87 5.79 11.86
N ILE A 122 -3.54 5.97 11.83
CA ILE A 122 -2.71 5.32 10.82
C ILE A 122 -1.54 4.61 11.49
N LEU A 123 -1.23 3.40 11.02
CA LEU A 123 -0.09 2.63 11.50
C LEU A 123 1.00 2.65 10.43
N GLY A 124 1.97 3.55 10.58
CA GLY A 124 3.06 3.63 9.64
C GLY A 124 4.04 2.50 9.85
N LEU A 125 4.16 1.61 8.85
CA LEU A 125 4.95 0.40 9.01
C LEU A 125 6.32 0.46 8.35
N ALA A 126 6.66 1.61 7.78
CA ALA A 126 7.99 1.80 7.19
C ALA A 126 9.03 2.17 8.25
N TYR A 127 10.21 2.59 7.80
CA TYR A 127 11.36 2.69 8.68
C TYR A 127 11.52 4.06 9.35
N ALA A 128 12.32 4.09 10.41
CA ALA A 128 12.54 5.30 11.19
C ALA A 128 13.05 6.50 10.36
N GLU A 129 13.76 6.24 9.27
CA GLU A 129 14.35 7.33 8.51
C GLU A 129 13.33 8.35 8.05
N ILE A 130 12.09 7.92 7.79
CA ILE A 130 11.06 8.87 7.37
C ILE A 130 10.01 9.18 8.44
N ALA A 131 10.32 8.83 9.69
CA ALA A 131 9.45 9.21 10.81
C ALA A 131 9.53 10.72 11.07
N ARG A 132 8.43 11.29 11.56
CA ARG A 132 8.38 12.69 11.96
C ARG A 132 8.25 12.77 13.48
N PRO A 133 8.86 13.79 14.10
CA PRO A 133 9.63 14.89 13.51
C PRO A 133 11.01 14.49 12.95
N ASP A 134 11.54 13.35 13.38
CA ASP A 134 12.82 12.87 12.89
C ASP A 134 13.04 11.39 13.18
N ASP A 135 14.20 10.88 12.78
CA ASP A 135 14.45 9.44 12.82
C ASP A 135 14.72 8.89 14.21
N SER A 136 14.62 9.72 15.23
CA SER A 136 14.79 9.25 16.60
C SER A 136 13.48 8.74 17.19
N LEU A 137 12.36 9.00 16.52
CA LEU A 137 11.07 8.48 16.98
C LEU A 137 10.85 7.07 16.44
N GLU A 138 11.07 6.09 17.30
CA GLU A 138 11.00 4.67 16.94
C GLU A 138 9.61 4.31 16.42
N PRO A 139 9.53 3.74 15.21
CA PRO A 139 8.24 3.29 14.67
C PRO A 139 7.68 2.09 15.43
N PHE A 140 6.37 1.89 15.32
CA PHE A 140 5.71 0.82 16.06
C PHE A 140 6.32 -0.55 15.86
N PHE A 141 6.54 -0.95 14.61
CA PHE A 141 7.00 -2.31 14.36
C PHE A 141 8.39 -2.52 14.95
N ASP A 142 9.21 -1.47 14.97
CA ASP A 142 10.53 -1.57 15.59
C ASP A 142 10.40 -1.87 17.08
N SER A 143 9.46 -1.19 17.74
CA SER A 143 9.21 -1.39 19.16
C SER A 143 8.68 -2.80 19.40
N LEU A 144 7.78 -3.23 18.54
CA LEU A 144 7.19 -4.57 18.65
C LEU A 144 8.29 -5.63 18.65
N VAL A 145 9.19 -5.55 17.66
CA VAL A 145 10.28 -6.51 17.54
C VAL A 145 11.25 -6.46 18.72
N LYS A 146 11.57 -5.25 19.17
CA LYS A 146 12.54 -5.10 20.24
C LYS A 146 12.02 -5.62 21.57
N GLN A 147 10.70 -5.54 21.78
CA GLN A 147 10.13 -5.85 23.08
C GLN A 147 9.52 -7.24 23.19
N THR A 148 9.38 -7.94 22.05
CA THR A 148 8.70 -9.22 22.06
C THR A 148 9.49 -10.30 21.33
N HIS A 149 10.43 -9.88 20.49
CA HIS A 149 11.20 -10.82 19.69
C HIS A 149 10.31 -11.66 18.76
N VAL A 150 9.15 -11.13 18.41
CA VAL A 150 8.43 -11.65 17.24
C VAL A 150 9.37 -11.45 16.06
N PRO A 151 9.34 -12.36 15.09
CA PRO A 151 10.26 -12.26 13.95
C PRO A 151 10.08 -10.95 13.17
N ASN A 152 11.18 -10.42 12.65
CA ASN A 152 11.20 -9.10 12.03
C ASN A 152 10.70 -9.17 10.60
N LEU A 153 9.43 -9.53 10.45
CA LEU A 153 8.76 -9.43 9.16
C LEU A 153 7.26 -9.44 9.36
N PHE A 154 6.54 -8.92 8.37
CA PHE A 154 5.10 -9.06 8.33
C PHE A 154 4.69 -9.24 6.88
N SER A 155 3.48 -9.76 6.66
CA SER A 155 2.97 -9.91 5.31
C SER A 155 1.56 -9.37 5.18
N LEU A 156 1.23 -8.90 3.99
CA LEU A 156 -0.09 -8.32 3.74
C LEU A 156 -0.79 -9.01 2.57
N GLN A 157 -2.03 -9.44 2.82
CA GLN A 157 -2.89 -9.95 1.76
C GLN A 157 -4.09 -9.02 1.68
N LEU A 158 -4.07 -8.10 0.72
CA LEU A 158 -5.19 -7.17 0.56
C LEU A 158 -6.15 -7.74 -0.48
N CYS A 159 -7.40 -7.94 -0.08
CA CYS A 159 -8.37 -8.52 -0.98
C CYS A 159 -9.40 -7.48 -1.41
N GLY A 160 -9.51 -7.25 -2.71
CA GLY A 160 -10.47 -6.29 -3.23
C GLY A 160 -11.90 -6.79 -3.11
N ALA A 161 -12.84 -5.99 -3.62
CA ALA A 161 -14.26 -6.31 -3.49
C ALA A 161 -14.56 -7.73 -3.95
N SER A 173 -17.48 -3.41 0.66
CA SER A 173 -16.67 -3.92 1.76
C SER A 173 -15.48 -4.71 1.24
N VAL A 174 -14.30 -4.45 1.81
CA VAL A 174 -13.10 -5.21 1.46
C VAL A 174 -12.48 -5.81 2.71
N GLY A 175 -11.56 -6.74 2.51
CA GLY A 175 -10.91 -7.39 3.64
C GLY A 175 -9.53 -7.90 3.27
N GLY A 176 -8.92 -8.61 4.21
CA GLY A 176 -7.59 -9.13 3.98
C GLY A 176 -6.96 -9.57 5.28
N SER A 177 -5.66 -9.85 5.23
CA SER A 177 -4.93 -10.31 6.41
C SER A 177 -3.61 -9.59 6.53
N MET A 178 -3.30 -9.16 7.75
CA MET A 178 -1.93 -8.79 8.07
C MET A 178 -1.37 -9.84 9.02
N ILE A 179 -0.40 -10.60 8.53
CA ILE A 179 0.25 -11.62 9.34
C ILE A 179 1.52 -11.03 9.93
N ILE A 180 1.55 -10.89 11.25
CA ILE A 180 2.69 -10.29 11.92
C ILE A 180 3.67 -11.36 12.42
N GLY A 181 4.91 -11.29 11.93
CA GLY A 181 5.94 -12.18 12.40
C GLY A 181 6.16 -13.41 11.55
N GLY A 182 5.49 -13.49 10.40
CA GLY A 182 5.66 -14.66 9.57
C GLY A 182 4.88 -14.69 8.28
N ILE A 183 4.92 -15.87 7.63
CA ILE A 183 4.29 -16.08 6.33
C ILE A 183 3.29 -17.21 6.45
N ASP A 184 2.05 -16.95 6.03
CA ASP A 184 0.99 -17.96 6.10
C ASP A 184 0.78 -18.57 4.72
N HIS A 185 1.22 -19.80 4.55
CA HIS A 185 1.22 -20.44 3.23
C HIS A 185 -0.19 -20.62 2.69
N SER A 186 -1.18 -20.55 3.56
CA SER A 186 -2.57 -20.74 3.15
C SER A 186 -3.08 -19.53 2.37
N LEU A 187 -2.32 -18.43 2.41
CA LEU A 187 -2.77 -17.18 1.81
C LEU A 187 -2.28 -16.97 0.38
N TYR A 188 -1.43 -17.87 -0.12
CA TYR A 188 -0.96 -17.75 -1.49
C TYR A 188 -0.81 -19.08 -2.19
N THR A 189 -0.67 -19.00 -3.51
CA THR A 189 -0.39 -20.17 -4.33
C THR A 189 0.89 -19.92 -5.14
N GLY A 190 1.50 -21.00 -5.62
CA GLY A 190 2.69 -20.85 -6.44
C GLY A 190 3.90 -20.40 -5.63
N SER A 191 4.86 -19.78 -6.31
CA SER A 191 6.12 -19.42 -5.68
C SER A 191 6.15 -17.98 -5.18
N LEU A 192 6.93 -17.78 -4.13
CA LEU A 192 7.23 -16.45 -3.60
C LEU A 192 8.52 -15.96 -4.27
N TRP A 193 8.44 -14.81 -4.93
CA TRP A 193 9.61 -14.20 -5.57
C TRP A 193 10.03 -12.95 -4.82
N TYR A 194 11.32 -12.78 -4.59
CA TYR A 194 11.82 -11.68 -3.77
C TYR A 194 12.60 -10.63 -4.55
N THR A 195 12.34 -9.37 -4.22
CA THR A 195 13.09 -8.25 -4.75
C THR A 195 13.77 -7.54 -3.58
N PRO A 196 15.02 -7.08 -3.78
CA PRO A 196 15.72 -6.47 -2.65
C PRO A 196 15.18 -5.10 -2.26
N ILE A 197 15.18 -4.82 -0.96
CA ILE A 197 14.90 -3.47 -0.50
C ILE A 197 16.16 -2.65 -0.72
N ARG A 198 16.05 -1.63 -1.58
CA ARG A 198 17.22 -0.88 -2.01
CA ARG A 198 17.20 -0.86 -2.03
C ARG A 198 17.76 -0.01 -0.89
N ARG A 199 16.85 0.58 -0.12
CA ARG A 199 17.23 1.44 0.99
C ARG A 199 16.11 1.37 2.01
N GLU A 200 16.47 1.27 3.29
CA GLU A 200 15.47 1.16 4.34
C GLU A 200 15.02 2.54 4.79
N TRP A 201 14.05 3.09 4.08
CA TRP A 201 13.34 4.27 4.54
C TRP A 201 11.86 4.10 4.25
N TYR A 202 11.44 4.35 3.01
CA TYR A 202 10.24 3.68 2.48
C TYR A 202 10.66 2.25 2.22
N TYR A 203 9.71 1.39 1.85
CA TYR A 203 10.07 0.09 1.30
C TYR A 203 10.40 0.31 -0.17
N GLU A 204 11.65 0.73 -0.43
CA GLU A 204 12.08 1.07 -1.77
C GLU A 204 12.55 -0.14 -2.54
N VAL A 205 12.06 -0.28 -3.77
CA VAL A 205 12.46 -1.37 -4.66
C VAL A 205 12.86 -0.83 -6.03
N ILE A 206 13.29 -1.72 -6.91
CA ILE A 206 13.72 -1.34 -8.26
C ILE A 206 12.92 -2.07 -9.35
N ILE A 207 12.29 -1.28 -10.22
CA ILE A 207 11.60 -1.81 -11.40
C ILE A 207 12.58 -1.81 -12.57
N VAL A 208 12.73 -2.95 -13.25
CA VAL A 208 13.73 -3.04 -14.30
C VAL A 208 13.15 -3.05 -15.73
N ARG A 209 11.84 -3.25 -15.85
CA ARG A 209 11.19 -3.32 -17.15
C ARG A 209 9.69 -3.17 -16.95
N VAL A 210 9.02 -2.51 -17.90
CA VAL A 210 7.57 -2.41 -17.89
C VAL A 210 7.04 -2.76 -19.26
N GLU A 211 6.07 -3.67 -19.30
CA GLU A 211 5.38 -4.01 -20.54
C GLU A 211 3.90 -3.76 -20.39
N ILE A 212 3.26 -3.32 -21.47
CA ILE A 212 1.82 -3.22 -21.49
C ILE A 212 1.30 -4.03 -22.68
N ASN A 213 0.41 -4.97 -22.38
CA ASN A 213 0.10 -6.09 -23.25
C ASN A 213 1.31 -6.61 -24.02
N GLY A 214 2.32 -7.03 -23.27
CA GLY A 214 3.44 -7.73 -23.86
C GLY A 214 4.46 -6.81 -24.52
N GLN A 215 4.09 -5.54 -24.68
CA GLN A 215 4.96 -4.60 -25.38
C GLN A 215 5.79 -3.76 -24.42
N ASP A 216 7.10 -3.87 -24.55
CA ASP A 216 8.07 -3.12 -23.76
C ASP A 216 7.87 -1.62 -23.99
N LEU A 217 7.90 -0.84 -22.92
CA LEU A 217 7.79 0.61 -23.06
C LEU A 217 9.11 1.18 -23.60
N LYS A 218 10.16 0.37 -23.55
CA LYS A 218 11.44 0.72 -24.16
C LYS A 218 12.00 2.05 -23.65
N MET A 219 12.04 2.20 -22.33
CA MET A 219 12.70 3.33 -21.71
C MET A 219 13.96 2.85 -20.99
N ASP A 220 14.92 3.76 -20.83
CA ASP A 220 16.01 3.51 -19.90
C ASP A 220 15.35 3.18 -18.56
N CYS A 221 15.77 2.08 -17.95
CA CYS A 221 15.06 1.57 -16.78
C CYS A 221 15.18 2.48 -15.55
N LYS A 222 16.16 3.38 -15.56
CA LYS A 222 16.24 4.36 -14.48
C LYS A 222 15.00 5.26 -14.45
N GLU A 223 14.35 5.44 -15.60
CA GLU A 223 13.15 6.26 -15.66
C GLU A 223 12.02 5.67 -14.80
N TYR A 224 12.00 4.34 -14.70
CA TYR A 224 10.92 3.68 -13.95
C TYR A 224 11.02 3.96 -12.46
N ASN A 225 12.20 4.37 -12.02
CA ASN A 225 12.48 4.54 -10.60
C ASN A 225 12.93 5.96 -10.27
N TYR A 226 12.46 6.92 -11.07
CA TYR A 226 12.74 8.34 -10.82
C TYR A 226 11.65 8.95 -9.94
N ASP A 227 11.98 9.29 -8.70
CA ASP A 227 13.33 9.26 -8.15
C ASP A 227 13.48 8.13 -7.14
N LYS A 228 12.40 7.36 -6.98
CA LYS A 228 12.41 6.15 -6.16
C LYS A 228 11.15 5.39 -6.56
N SER A 229 11.14 4.09 -6.27
CA SER A 229 9.91 3.30 -6.40
C SER A 229 9.64 2.64 -5.05
N ILE A 230 8.39 2.70 -4.59
CA ILE A 230 8.06 2.14 -3.28
C ILE A 230 6.81 1.27 -3.31
N VAL A 231 6.69 0.41 -2.30
CA VAL A 231 5.49 -0.41 -2.11
C VAL A 231 4.68 0.18 -0.97
N ASP A 232 3.45 0.60 -1.27
CA ASP A 232 2.71 1.47 -0.35
C ASP A 232 1.23 1.10 -0.19
N SER A 233 0.91 0.41 0.90
CA SER A 233 -0.47 0.03 1.17
C SER A 233 -1.35 1.21 1.53
N GLY A 234 -0.74 2.36 1.79
CA GLY A 234 -1.51 3.57 2.11
C GLY A 234 -1.76 4.50 0.93
N THR A 235 -1.57 3.99 -0.28
CA THR A 235 -1.93 4.71 -1.51
C THR A 235 -2.81 3.80 -2.36
N THR A 236 -3.90 4.33 -2.91
CA THR A 236 -4.76 3.50 -3.75
C THR A 236 -4.11 3.15 -5.08
N ASN A 237 -3.60 4.16 -5.77
CA ASN A 237 -3.24 4.02 -7.18
C ASN A 237 -1.86 3.41 -7.41
N LEU A 238 -1.65 2.93 -8.63
CA LEU A 238 -0.33 2.83 -9.20
C LEU A 238 0.05 4.24 -9.66
N ARG A 239 1.04 4.84 -9.01
CA ARG A 239 1.48 6.18 -9.41
C ARG A 239 2.81 6.06 -10.14
N LEU A 240 2.93 6.78 -11.26
CA LEU A 240 4.07 6.63 -12.16
C LEU A 240 4.71 7.97 -12.48
N PRO A 241 6.05 7.99 -12.60
CA PRO A 241 6.72 9.22 -13.05
C PRO A 241 6.11 9.71 -14.36
N LYS A 242 6.09 11.03 -14.55
CA LYS A 242 5.43 11.63 -15.70
C LYS A 242 5.72 10.93 -17.03
N LYS A 243 7.00 10.72 -17.33
CA LYS A 243 7.39 10.12 -18.60
C LYS A 243 6.81 8.72 -18.76
N VAL A 244 6.84 7.96 -17.68
CA VAL A 244 6.35 6.58 -17.71
C VAL A 244 4.83 6.57 -17.78
N PHE A 245 4.19 7.50 -17.06
CA PHE A 245 2.74 7.62 -17.05
C PHE A 245 2.21 7.93 -18.45
N GLU A 246 2.82 8.90 -19.13
CA GLU A 246 2.36 9.27 -20.46
C GLU A 246 2.50 8.12 -21.43
N ALA A 247 3.57 7.35 -21.30
CA ALA A 247 3.78 6.19 -22.16
C ALA A 247 2.75 5.11 -21.87
N ALA A 248 2.44 4.92 -20.60
CA ALA A 248 1.48 3.91 -20.19
C ALA A 248 0.09 4.26 -20.71
N VAL A 249 -0.31 5.51 -20.57
CA VAL A 249 -1.63 5.93 -21.05
C VAL A 249 -1.73 5.79 -22.56
N LYS A 250 -0.66 6.15 -23.28
CA LYS A 250 -0.66 5.98 -24.72
C LYS A 250 -0.91 4.53 -25.11
N SER A 251 -0.26 3.60 -24.41
CA SER A 251 -0.35 2.18 -24.73
C SER A 251 -1.73 1.62 -24.38
N ILE A 252 -2.26 2.02 -23.24
CA ILE A 252 -3.58 1.57 -22.82
C ILE A 252 -4.67 2.13 -23.74
N LYS A 253 -4.52 3.39 -24.13
CA LYS A 253 -5.43 4.00 -25.10
C LYS A 253 -5.44 3.23 -26.42
N ALA A 254 -4.24 2.86 -26.88
CA ALA A 254 -4.10 2.14 -28.14
C ALA A 254 -4.83 0.80 -28.06
N ALA A 255 -4.61 0.09 -26.95
CA ALA A 255 -5.23 -1.21 -26.74
C ALA A 255 -6.75 -1.13 -26.72
N SER A 256 -7.28 -0.08 -26.09
CA SER A 256 -8.71 0.04 -25.86
C SER A 256 -9.40 0.92 -26.90
N SER A 257 -8.72 1.16 -28.02
CA SER A 257 -9.15 2.16 -28.99
C SER A 257 -10.53 1.94 -29.61
N THR A 258 -11.09 0.74 -29.45
CA THR A 258 -12.42 0.48 -29.99
C THR A 258 -13.48 1.27 -29.24
N GLU A 259 -13.11 1.78 -28.06
CA GLU A 259 -13.95 2.70 -27.33
C GLU A 259 -13.16 3.95 -26.93
N LYS A 260 -13.80 5.11 -27.05
CA LYS A 260 -13.13 6.37 -26.75
C LYS A 260 -13.71 6.99 -25.48
N PHE A 261 -12.83 7.36 -24.55
CA PHE A 261 -13.25 7.91 -23.27
C PHE A 261 -12.78 9.35 -23.15
N PRO A 262 -13.49 10.15 -22.33
CA PRO A 262 -13.08 11.54 -22.12
C PRO A 262 -11.69 11.64 -21.51
N ASP A 263 -10.97 12.70 -21.87
CA ASP A 263 -9.62 12.90 -21.35
C ASP A 263 -9.65 12.92 -19.84
N GLY A 264 -10.77 13.37 -19.29
CA GLY A 264 -10.91 13.45 -17.85
C GLY A 264 -10.76 12.09 -17.19
N PHE A 265 -11.20 11.04 -17.89
CA PHE A 265 -11.07 9.68 -17.36
C PHE A 265 -9.61 9.32 -17.15
N TRP A 266 -8.79 9.60 -18.15
CA TRP A 266 -7.38 9.26 -18.11
C TRP A 266 -6.63 10.09 -17.08
N LEU A 267 -7.25 11.19 -16.63
CA LEU A 267 -6.68 12.02 -15.58
C LEU A 267 -7.26 11.65 -14.21
N GLY A 268 -8.16 10.67 -14.19
CA GLY A 268 -8.80 10.30 -12.94
C GLY A 268 -9.77 11.35 -12.45
N GLU A 269 -10.24 12.21 -13.37
CA GLU A 269 -11.18 13.27 -13.02
C GLU A 269 -12.61 12.86 -13.32
N GLN A 270 -12.78 11.75 -14.02
CA GLN A 270 -14.10 11.35 -14.51
C GLN A 270 -14.23 9.83 -14.46
N LEU A 271 -15.45 9.35 -14.21
CA LEU A 271 -15.71 7.92 -14.22
C LEU A 271 -16.10 7.45 -15.62
N VAL A 272 -15.83 6.18 -15.91
CA VAL A 272 -16.42 5.53 -17.08
C VAL A 272 -17.40 4.48 -16.60
N CYS A 273 -18.58 4.44 -17.20
CA CYS A 273 -19.61 3.50 -16.76
C CYS A 273 -20.10 2.62 -17.90
N TRP A 274 -20.44 1.38 -17.56
CA TRP A 274 -21.11 0.49 -18.48
C TRP A 274 -22.34 -0.10 -17.79
N GLN A 275 -23.32 -0.53 -18.58
CA GLN A 275 -24.47 -1.22 -18.03
C GLN A 275 -23.98 -2.36 -17.14
N ALA A 276 -24.58 -2.49 -15.95
CA ALA A 276 -24.11 -3.46 -14.97
C ALA A 276 -23.79 -4.79 -15.64
N GLY A 277 -22.58 -5.29 -15.39
CA GLY A 277 -22.21 -6.63 -15.84
C GLY A 277 -21.63 -6.71 -17.23
N THR A 278 -21.52 -5.58 -17.91
CA THR A 278 -21.09 -5.59 -19.32
C THR A 278 -19.72 -4.94 -19.55
N THR A 279 -18.97 -4.71 -18.48
CA THR A 279 -17.65 -4.09 -18.60
C THR A 279 -16.80 -4.87 -19.59
N PRO A 280 -16.27 -4.20 -20.63
CA PRO A 280 -15.45 -4.82 -21.66
C PRO A 280 -14.00 -5.06 -21.24
N TRP A 281 -13.80 -5.97 -20.29
CA TRP A 281 -12.46 -6.17 -19.73
C TRP A 281 -11.42 -6.48 -20.79
N ASN A 282 -11.82 -7.22 -21.82
CA ASN A 282 -10.86 -7.73 -22.80
C ASN A 282 -10.20 -6.66 -23.66
N ILE A 283 -10.80 -5.47 -23.74
CA ILE A 283 -10.18 -4.41 -24.55
C ILE A 283 -9.13 -3.63 -23.77
N PHE A 284 -8.99 -3.92 -22.48
CA PHE A 284 -7.93 -3.31 -21.69
C PHE A 284 -6.78 -4.29 -21.51
N PRO A 285 -5.54 -3.80 -21.62
CA PRO A 285 -4.34 -4.64 -21.61
C PRO A 285 -3.90 -5.02 -20.20
N VAL A 286 -3.07 -6.05 -20.12
CA VAL A 286 -2.39 -6.38 -18.88
C VAL A 286 -1.13 -5.54 -18.77
N ILE A 287 -0.78 -5.15 -17.55
CA ILE A 287 0.46 -4.42 -17.29
C ILE A 287 1.42 -5.33 -16.53
N SER A 288 2.65 -5.45 -17.01
CA SER A 288 3.63 -6.26 -16.32
C SER A 288 4.74 -5.37 -15.78
N LEU A 289 4.98 -5.47 -14.46
CA LEU A 289 6.09 -4.79 -13.83
C LEU A 289 7.15 -5.83 -13.49
N TYR A 290 8.35 -5.65 -14.06
CA TYR A 290 9.46 -6.56 -13.77
C TYR A 290 10.28 -5.96 -12.64
N LEU A 291 10.46 -6.73 -11.58
CA LEU A 291 11.18 -6.27 -10.40
C LEU A 291 12.55 -6.93 -10.33
N MET A 292 13.52 -6.16 -9.84
CA MET A 292 14.88 -6.64 -9.70
C MET A 292 14.91 -7.89 -8.83
N GLY A 293 15.60 -8.93 -9.31
CA GLY A 293 15.72 -10.15 -8.54
C GLY A 293 16.85 -10.11 -7.53
N GLU A 294 17.08 -11.23 -6.85
CA GLU A 294 18.13 -11.29 -5.83
C GLU A 294 19.50 -11.63 -6.43
N VAL A 295 19.51 -11.99 -7.70
CA VAL A 295 20.73 -12.31 -8.43
C VAL A 295 20.94 -11.30 -9.56
N THR A 296 22.19 -10.94 -9.81
CA THR A 296 22.53 -9.92 -10.80
C THR A 296 21.81 -10.12 -12.13
N ASN A 297 21.09 -9.08 -12.56
CA ASN A 297 20.43 -9.04 -13.87
C ASN A 297 19.36 -10.11 -14.09
N GLN A 298 18.94 -10.76 -13.01
CA GLN A 298 17.73 -11.56 -13.03
C GLN A 298 16.57 -10.74 -12.48
N SER A 299 15.37 -11.03 -12.96
CA SER A 299 14.18 -10.34 -12.51
C SER A 299 13.00 -11.30 -12.51
N PHE A 300 11.88 -10.85 -11.93
CA PHE A 300 10.62 -11.56 -12.08
C PHE A 300 9.56 -10.49 -12.40
N ARG A 301 8.40 -10.92 -12.90
CA ARG A 301 7.36 -9.94 -13.19
C ARG A 301 6.09 -10.21 -12.39
N ILE A 302 5.41 -9.14 -12.04
CA ILE A 302 4.05 -9.24 -11.54
C ILE A 302 3.13 -8.63 -12.59
N THR A 303 2.03 -9.31 -12.89
CA THR A 303 1.14 -8.84 -13.93
C THR A 303 -0.21 -8.38 -13.38
N ILE A 304 -0.65 -7.23 -13.87
CA ILE A 304 -1.80 -6.50 -13.35
C ILE A 304 -2.92 -6.54 -14.40
N LEU A 305 -4.11 -6.98 -14.00
CA LEU A 305 -5.25 -7.01 -14.91
C LEU A 305 -6.03 -5.70 -14.80
N PRO A 306 -6.85 -5.38 -15.82
CA PRO A 306 -7.69 -4.17 -15.71
C PRO A 306 -8.64 -4.21 -14.51
N GLN A 307 -9.02 -5.40 -14.07
CA GLN A 307 -9.84 -5.50 -12.87
C GLN A 307 -9.14 -4.89 -11.66
N GLN A 308 -7.83 -4.70 -11.76
CA GLN A 308 -7.07 -4.07 -10.69
C GLN A 308 -6.92 -2.56 -10.88
N TYR A 309 -6.62 -2.12 -12.10
CA TYR A 309 -6.34 -0.71 -12.31
C TYR A 309 -7.53 0.10 -12.80
N LEU A 310 -8.66 -0.58 -13.05
CA LEU A 310 -9.92 0.11 -13.19
C LEU A 310 -10.74 -0.14 -11.93
N ARG A 311 -10.78 0.84 -11.04
CA ARG A 311 -11.36 0.66 -9.72
C ARG A 311 -12.84 1.01 -9.74
N PRO A 312 -13.70 0.07 -9.31
CA PRO A 312 -15.13 0.36 -9.22
C PRO A 312 -15.42 1.40 -8.15
N VAL A 313 -16.31 2.34 -8.47
CA VAL A 313 -16.74 3.32 -7.48
C VAL A 313 -18.18 3.03 -7.09
N GLU A 314 -18.37 2.54 -5.87
CA GLU A 314 -19.69 2.15 -5.40
C GLU A 314 -20.54 3.38 -5.13
N ASP A 315 -21.71 3.42 -5.75
CA ASP A 315 -22.63 4.53 -5.59
C ASP A 315 -24.02 4.04 -5.95
N VAL A 316 -24.92 4.02 -4.98
CA VAL A 316 -26.26 3.51 -5.23
C VAL A 316 -26.92 4.27 -6.38
N ALA A 317 -26.61 5.56 -6.48
CA ALA A 317 -27.23 6.42 -7.49
C ALA A 317 -26.87 5.98 -8.91
N THR A 318 -25.66 5.46 -9.08
CA THR A 318 -25.19 5.06 -10.41
C THR A 318 -25.33 3.56 -10.64
N SER A 319 -26.01 2.86 -9.73
CA SER A 319 -25.90 1.42 -9.67
C SER A 319 -26.66 0.63 -10.74
N GLN A 320 -27.33 1.32 -11.66
CA GLN A 320 -27.80 0.62 -12.85
C GLN A 320 -26.58 0.23 -13.67
N ASP A 321 -25.48 0.95 -13.45
CA ASP A 321 -24.22 0.73 -14.14
C ASP A 321 -23.12 0.23 -13.21
N ASP A 322 -22.05 -0.29 -13.79
CA ASP A 322 -20.78 -0.36 -13.09
C ASP A 322 -19.90 0.78 -13.59
N CYS A 323 -19.41 1.59 -12.67
CA CYS A 323 -18.62 2.76 -13.00
C CYS A 323 -17.23 2.63 -12.37
N TYR A 324 -16.22 3.15 -13.08
CA TYR A 324 -14.84 2.95 -12.66
C TYR A 324 -14.01 4.22 -12.73
N LYS A 325 -13.05 4.34 -11.83
CA LYS A 325 -12.00 5.34 -11.96
C LYS A 325 -10.74 4.67 -12.50
N PHE A 326 -10.02 5.39 -13.35
CA PHE A 326 -8.69 4.97 -13.80
C PHE A 326 -7.73 5.15 -12.62
N ALA A 327 -7.19 4.05 -12.11
CA ALA A 327 -6.39 4.08 -10.88
C ALA A 327 -4.90 4.05 -11.16
N ILE A 328 -4.51 4.63 -12.28
CA ILE A 328 -3.11 4.89 -12.56
C ILE A 328 -2.98 6.39 -12.71
N SER A 329 -2.03 6.99 -12.02
CA SER A 329 -1.91 8.44 -12.04
C SER A 329 -0.47 8.93 -12.01
N GLN A 330 -0.30 10.21 -12.32
CA GLN A 330 1.04 10.78 -12.49
C GLN A 330 1.64 11.20 -11.15
N SER A 331 2.94 10.99 -11.00
CA SER A 331 3.65 11.32 -9.76
C SER A 331 4.88 12.16 -10.07
N SER A 332 5.22 13.07 -9.17
CA SER A 332 6.49 13.78 -9.26
C SER A 332 7.43 13.35 -8.14
N THR A 333 7.03 12.31 -7.40
CA THR A 333 7.81 11.82 -6.28
C THR A 333 8.14 10.33 -6.43
N GLY A 334 8.09 9.86 -7.67
CA GLY A 334 8.52 8.50 -7.96
C GLY A 334 7.37 7.53 -8.12
N THR A 335 7.68 6.27 -8.41
CA THR A 335 6.65 5.25 -8.58
C THR A 335 6.11 4.84 -7.21
N VAL A 336 4.80 4.68 -7.12
CA VAL A 336 4.18 4.11 -5.93
C VAL A 336 3.35 2.89 -6.34
N MET A 337 3.75 1.72 -5.85
CA MET A 337 2.96 0.52 -6.07
C MET A 337 1.96 0.44 -4.93
N GLY A 338 0.77 1.00 -5.18
CA GLY A 338 -0.23 1.10 -4.14
C GLY A 338 -1.14 -0.12 -4.15
N ALA A 339 -2.33 0.04 -3.59
CA ALA A 339 -3.21 -1.11 -3.37
C ALA A 339 -3.63 -1.80 -4.66
N VAL A 340 -3.77 -1.05 -5.75
CA VAL A 340 -4.18 -1.68 -7.00
C VAL A 340 -3.12 -2.66 -7.48
N ILE A 341 -1.87 -2.46 -7.04
CA ILE A 341 -0.81 -3.40 -7.33
C ILE A 341 -0.84 -4.54 -6.30
N MET A 342 -0.97 -4.18 -5.03
CA MET A 342 -0.88 -5.16 -3.95
C MET A 342 -2.07 -6.12 -3.88
N GLU A 343 -3.25 -5.64 -4.24
CA GLU A 343 -4.44 -6.49 -4.17
C GLU A 343 -4.31 -7.69 -5.11
N GLY A 344 -4.63 -8.88 -4.62
CA GLY A 344 -4.47 -10.07 -5.44
C GLY A 344 -3.09 -10.68 -5.37
N PHE A 345 -2.18 -10.02 -4.64
CA PHE A 345 -0.90 -10.63 -4.32
C PHE A 345 -0.75 -10.77 -2.82
N TYR A 346 0.08 -11.73 -2.43
CA TYR A 346 0.51 -11.83 -1.05
C TYR A 346 1.88 -11.20 -1.00
N VAL A 347 2.03 -10.16 -0.19
CA VAL A 347 3.26 -9.37 -0.20
C VAL A 347 3.96 -9.49 1.14
N VAL A 348 5.19 -10.00 1.10
CA VAL A 348 5.95 -10.27 2.31
C VAL A 348 7.00 -9.19 2.53
N PHE A 349 6.86 -8.45 3.63
CA PHE A 349 7.81 -7.42 3.98
C PHE A 349 8.85 -8.01 4.90
N ASP A 350 9.87 -8.60 4.28
CA ASP A 350 10.88 -9.37 5.00
C ASP A 350 12.01 -8.45 5.44
N ARG A 351 11.80 -7.74 6.54
CA ARG A 351 12.74 -6.74 7.00
C ARG A 351 14.05 -7.38 7.43
N ALA A 352 13.98 -8.57 8.02
CA ALA A 352 15.17 -9.28 8.49
C ALA A 352 16.17 -9.55 7.36
N ARG A 353 15.66 -9.87 6.18
CA ARG A 353 16.52 -10.18 5.05
C ARG A 353 16.48 -9.08 3.99
N LYS A 354 15.95 -7.92 4.37
CA LYS A 354 15.98 -6.73 3.52
C LYS A 354 15.45 -7.01 2.12
N ARG A 355 14.25 -7.58 2.05
CA ARG A 355 13.68 -7.94 0.76
C ARG A 355 12.15 -7.97 0.85
N ILE A 356 11.51 -7.78 -0.30
CA ILE A 356 10.05 -7.86 -0.39
C ILE A 356 9.66 -9.03 -1.28
N GLY A 357 8.77 -9.89 -0.79
CA GLY A 357 8.34 -11.02 -1.59
C GLY A 357 6.94 -10.84 -2.16
N PHE A 358 6.72 -11.39 -3.35
CA PHE A 358 5.42 -11.38 -4.00
C PHE A 358 5.01 -12.80 -4.40
N ALA A 359 3.76 -13.15 -4.13
CA ALA A 359 3.16 -14.38 -4.65
C ALA A 359 1.72 -14.12 -5.03
N VAL A 360 1.17 -14.98 -5.88
CA VAL A 360 -0.25 -14.90 -6.21
C VAL A 360 -1.12 -15.19 -4.99
N SER A 361 -2.06 -14.30 -4.73
CA SER A 361 -2.89 -14.39 -3.53
C SER A 361 -4.02 -15.39 -3.71
N ALA A 362 -4.40 -16.05 -2.60
CA ALA A 362 -5.55 -16.94 -2.60
C ALA A 362 -6.81 -16.17 -3.00
N CYS A 363 -6.83 -14.87 -2.71
CA CYS A 363 -7.91 -14.00 -3.17
C CYS A 363 -7.42 -13.17 -4.34
N HIS A 364 -7.26 -13.79 -5.51
CA HIS A 364 -6.65 -13.12 -6.65
C HIS A 364 -7.68 -12.70 -7.69
N VAL A 365 -7.25 -11.87 -8.62
CA VAL A 365 -8.11 -11.41 -9.70
C VAL A 365 -7.91 -12.25 -10.96
N HIS A 366 -9.02 -12.58 -11.61
CA HIS A 366 -8.99 -13.34 -12.85
C HIS A 366 -10.41 -13.47 -13.40
N ASP A 367 -10.55 -13.30 -14.70
CA ASP A 367 -11.74 -13.79 -15.38
C ASP A 367 -11.39 -15.13 -16.01
N GLU A 368 -12.17 -15.56 -16.98
CA GLU A 368 -11.96 -16.87 -17.56
C GLU A 368 -10.89 -16.86 -18.65
N PHE A 369 -10.30 -15.69 -18.91
CA PHE A 369 -9.29 -15.57 -19.98
C PHE A 369 -7.88 -15.31 -19.47
N ARG A 370 -7.76 -14.46 -18.45
CA ARG A 370 -6.46 -14.02 -17.97
C ARG A 370 -6.41 -14.10 -16.44
N THR A 371 -5.21 -14.29 -15.90
CA THR A 371 -5.01 -14.39 -14.47
C THR A 371 -3.81 -13.54 -14.06
N ALA A 372 -3.91 -12.83 -12.95
CA ALA A 372 -2.75 -12.11 -12.41
C ALA A 372 -1.67 -13.14 -12.07
N ALA A 373 -0.41 -12.76 -12.23
CA ALA A 373 0.68 -13.70 -12.07
C ALA A 373 1.90 -13.09 -11.39
N VAL A 374 2.69 -13.94 -10.75
CA VAL A 374 4.05 -13.61 -10.35
C VAL A 374 4.93 -14.71 -10.90
N GLU A 375 5.87 -14.35 -11.77
CA GLU A 375 6.62 -15.39 -12.47
C GLU A 375 8.02 -14.98 -12.90
N GLY A 376 8.87 -15.97 -13.10
CA GLY A 376 10.24 -15.73 -13.47
C GLY A 376 10.98 -17.04 -13.59
N PRO A 377 12.31 -17.02 -13.72
CA PRO A 377 13.15 -15.82 -13.80
C PRO A 377 13.26 -15.26 -15.22
N PHE A 378 13.55 -13.96 -15.32
CA PHE A 378 13.91 -13.34 -16.59
C PHE A 378 15.34 -12.82 -16.49
N VAL A 379 16.06 -12.88 -17.61
CA VAL A 379 17.43 -12.39 -17.66
C VAL A 379 17.55 -11.22 -18.62
N THR A 380 18.43 -10.27 -18.30
CA THR A 380 18.65 -9.11 -19.15
C THR A 380 20.13 -8.95 -19.44
N LEU A 381 20.46 -8.73 -20.72
CA LEU A 381 21.86 -8.54 -21.13
C LEU A 381 22.43 -7.24 -20.60
N ASP A 382 21.75 -6.14 -20.90
CA ASP A 382 22.18 -4.81 -20.47
C ASP A 382 22.49 -4.82 -18.98
N MET A 383 23.72 -4.42 -18.63
CA MET A 383 24.20 -4.54 -17.26
C MET A 383 23.93 -3.30 -16.42
N GLU A 384 23.22 -2.33 -17.00
CA GLU A 384 22.93 -1.08 -16.32
C GLU A 384 22.15 -1.29 -15.03
N ASP A 385 22.54 -0.57 -13.97
CA ASP A 385 21.76 -0.54 -12.75
C ASP A 385 20.57 0.41 -12.94
N CYS A 386 19.39 -0.04 -12.54
CA CYS A 386 18.17 0.68 -12.80
C CYS A 386 17.80 1.65 -11.69
N GLY A 387 18.57 1.62 -10.60
CA GLY A 387 18.36 2.57 -9.52
C GLY A 387 18.67 3.98 -9.97
N TYR A 388 17.85 4.93 -9.55
CA TYR A 388 18.02 6.31 -9.97
C TYR A 388 19.19 6.98 -9.24
N ASN A 389 19.49 6.50 -8.04
CA ASN A 389 20.64 6.99 -7.30
C ASN A 389 21.76 5.95 -7.28
N ILE A 390 22.95 6.39 -6.89
CA ILE A 390 24.10 5.50 -6.82
C ILE A 390 23.86 4.42 -5.78
N PRO A 391 24.09 3.15 -6.15
CA PRO A 391 23.92 2.04 -5.21
C PRO A 391 24.93 2.05 -4.06
N GLN A 392 24.60 1.35 -2.99
CA GLN A 392 25.49 1.23 -1.84
C GLN A 392 25.69 -0.23 -1.47
C2 D9W B . -6.34 2.91 0.25
C3 D9W B . -5.17 3.12 0.99
C11 D9W B . -5.69 6.51 2.54
C15 D9W B . -3.83 7.77 3.66
C16 D9W B . -2.42 7.86 3.61
C18 D9W B . -1.69 8.88 4.27
C19 D9W B . -2.45 9.85 5.02
C21 D9W B . -3.87 9.77 5.07
C23 D9W B . -4.55 8.74 4.40
C25 D9W B . -0.14 8.92 4.16
C27 D9W B . 0.81 7.36 2.59
C28 D9W B . 0.77 8.40 1.47
BR1 D9W B . -6.63 1.36 -0.70
N5 D9W B . -5.00 4.28 1.69
C6 D9W B . -5.96 5.27 1.72
C7 D9W B . -7.16 5.11 0.99
C9 D9W B . -7.34 3.92 0.25
O12 D9W B . -6.62 7.25 2.80
N13 D9W B . -4.40 6.68 2.93
N26 D9W B . 0.39 7.59 3.80
O31 D9W B . -0.10 9.50 1.84
C32 D9W B . 0.22 10.05 3.14
N35 D9W B . 1.29 6.19 2.26
C38 D9W B . 0.58 9.17 5.53
#